data_8W2X
#
_entry.id   8W2X
#
_cell.length_a   96.620
_cell.length_b   96.620
_cell.length_c   147.100
_cell.angle_alpha   90.000
_cell.angle_beta   90.000
_cell.angle_gamma   120.000
#
_symmetry.space_group_name_H-M   'P 31 2 1'
#
loop_
_entity.id
_entity.type
_entity.pdbx_description
1 polymer 'Fibroblast growth factor receptor 2'
2 non-polymer 1-[(3S)-3-{4-amino-3-[(3,5-dimethoxyphenyl)ethynyl]-1H-pyrazolo[3,4-d]pyrimidin-1-yl}pyrrolidin-1-yl]propan-1-one
3 non-polymer GLYCEROL
4 non-polymer 'SULFATE ION'
5 water water
#
_entity_poly.entity_id   1
_entity_poly.type   'polypeptide(L)'
_entity_poly.pdbx_seq_one_letter_code
;MGSSHHHHHHSQDPMLAGVSEYELPEDPKWEFPRDKLTLGKPLGEGCFGQVVMAEAVGIDKDKPKEAVTVAVKMLKDDAT
EKDLSDLVSEMEMMKMIGKHKNIINLLGACTQDGPLYVIVEYASKGNLREYLRARRPPGMEYSYDINRVPEEQMTFKDLV
SCTYQLARGMEYLASQKCIHRDLAARNVLVTENNVMKIADFGLARVINNIDYYKKTTNGRLPVKWMAPEALFDRVYTHQS
DVWSFGVLMWEIFTLGGSPYPGIPVEELFKLLKEGHRMDKPANCTNELYMMMRDCWHAVPSQRPTFKQLVEDLDRILTLT
TNEE
;
_entity_poly.pdbx_strand_id   A,B
#
# COMPACT_ATOMS: atom_id res chain seq x y z
N HIS A 8 10.93 -11.94 27.93
CA HIS A 8 11.33 -10.75 28.74
C HIS A 8 12.85 -10.54 28.61
N HIS A 9 13.39 -10.65 27.38
CA HIS A 9 14.83 -10.50 27.06
C HIS A 9 15.04 -9.12 26.41
N HIS A 10 16.00 -9.00 25.46
CA HIS A 10 16.45 -7.72 24.85
C HIS A 10 15.62 -7.36 23.62
N SER A 11 14.60 -8.16 23.27
CA SER A 11 13.58 -7.84 22.23
C SER A 11 12.60 -6.78 22.77
N GLN A 12 12.43 -6.70 24.09
CA GLN A 12 11.54 -5.71 24.77
C GLN A 12 12.32 -4.44 25.12
N ASP A 13 13.65 -4.53 25.21
CA ASP A 13 14.56 -3.40 25.56
C ASP A 13 14.64 -2.43 24.38
N PRO A 14 14.37 -1.11 24.59
CA PRO A 14 14.35 -0.16 23.49
C PRO A 14 15.73 0.02 22.83
N MET A 15 15.74 0.35 21.53
CA MET A 15 16.94 0.70 20.74
C MET A 15 16.98 2.23 20.60
N LEU A 16 18.17 2.80 20.48
CA LEU A 16 18.39 4.28 20.52
C LEU A 16 18.87 4.78 19.15
N ALA A 17 18.99 6.09 19.00
CA ALA A 17 19.64 6.78 17.85
C ALA A 17 21.16 6.64 17.99
N GLY A 18 21.80 6.00 17.00
CA GLY A 18 23.25 5.74 16.98
C GLY A 18 23.57 4.25 17.05
N VAL A 19 22.55 3.40 17.11
CA VAL A 19 22.70 1.90 17.11
C VAL A 19 21.79 1.30 16.01
N SER A 20 20.48 1.59 16.05
CA SER A 20 19.49 1.09 15.05
C SER A 20 19.93 1.49 13.64
N GLU A 21 19.78 0.60 12.66
CA GLU A 21 20.33 0.77 11.28
C GLU A 21 19.43 1.70 10.47
N TYR A 22 18.11 1.70 10.73
CA TYR A 22 17.07 2.46 9.97
C TYR A 22 16.08 3.11 10.94
N GLU A 23 15.53 4.25 10.54
CA GLU A 23 14.44 4.99 11.23
C GLU A 23 13.21 4.98 10.31
N LEU A 24 12.04 4.59 10.83
CA LEU A 24 10.72 4.72 10.16
C LEU A 24 9.92 5.84 10.80
N PRO A 25 8.87 6.36 10.12
CA PRO A 25 7.94 7.30 10.73
C PRO A 25 6.91 6.57 11.61
N GLU A 26 6.52 7.17 12.74
CA GLU A 26 5.54 6.59 13.69
C GLU A 26 4.14 7.13 13.38
N ASP A 27 3.13 6.24 13.37
CA ASP A 27 1.69 6.60 13.43
C ASP A 27 1.15 6.11 14.78
N PRO A 28 1.01 7.00 15.79
CA PRO A 28 0.55 6.60 17.12
C PRO A 28 -0.70 5.70 17.14
N LYS A 29 -1.62 5.91 16.18
CA LYS A 29 -2.84 5.09 15.99
C LYS A 29 -2.46 3.60 15.89
N TRP A 30 -1.33 3.30 15.26
CA TRP A 30 -0.90 1.91 14.92
C TRP A 30 0.25 1.44 15.83
N GLU A 31 1.08 2.36 16.34
CA GLU A 31 2.30 2.02 17.12
C GLU A 31 1.90 1.20 18.35
N PHE A 32 2.61 0.11 18.62
CA PHE A 32 2.49 -0.72 19.83
C PHE A 32 3.81 -0.70 20.60
N PRO A 33 3.79 -0.46 21.94
CA PRO A 33 5.03 -0.41 22.71
C PRO A 33 5.67 -1.81 22.86
N ARG A 34 6.98 -1.88 22.63
CA ARG A 34 7.79 -3.13 22.61
C ARG A 34 7.73 -3.86 23.96
N ASP A 35 7.65 -3.11 25.06
CA ASP A 35 7.73 -3.68 26.44
C ASP A 35 6.42 -4.41 26.79
N LYS A 36 5.35 -4.21 26.01
CA LYS A 36 4.06 -4.93 26.19
C LYS A 36 3.96 -6.12 25.24
N LEU A 37 4.93 -6.30 24.35
CA LEU A 37 5.02 -7.44 23.39
C LEU A 37 6.07 -8.44 23.88
N THR A 38 5.67 -9.72 24.01
CA THR A 38 6.54 -10.86 24.43
C THR A 38 6.64 -11.87 23.29
N LEU A 39 7.77 -11.89 22.58
CA LEU A 39 8.02 -12.83 21.44
C LEU A 39 8.07 -14.27 21.99
N GLY A 40 7.50 -15.22 21.23
CA GLY A 40 7.41 -16.65 21.62
C GLY A 40 7.90 -17.55 20.51
N LYS A 41 7.29 -18.74 20.38
CA LYS A 41 7.70 -19.81 19.44
C LYS A 41 7.57 -19.31 18.00
N PRO A 42 8.56 -19.57 17.12
CA PRO A 42 8.42 -19.22 15.70
C PRO A 42 7.39 -20.11 14.99
N LEU A 43 6.58 -19.50 14.11
CA LEU A 43 5.48 -20.17 13.36
C LEU A 43 5.95 -20.49 11.94
N GLY A 44 6.41 -21.72 11.72
CA GLY A 44 6.79 -22.25 10.38
C GLY A 44 7.95 -21.50 9.74
N GLU A 45 8.67 -22.17 8.84
CA GLU A 45 9.78 -21.62 8.01
C GLU A 45 9.25 -21.35 6.59
N GLY A 46 10.00 -20.57 5.80
CA GLY A 46 9.65 -20.21 4.40
C GLY A 46 8.91 -18.88 4.36
N CYS A 47 8.28 -18.57 3.23
CA CYS A 47 7.55 -17.30 2.95
C CYS A 47 8.47 -16.10 3.24
N PHE A 48 8.01 -14.89 2.92
CA PHE A 48 8.80 -13.63 3.02
C PHE A 48 8.96 -13.24 4.50
N GLY A 49 10.18 -13.33 5.04
CA GLY A 49 10.52 -12.92 6.42
C GLY A 49 10.23 -14.02 7.43
N GLN A 50 10.29 -13.69 8.72
CA GLN A 50 9.97 -14.60 9.86
C GLN A 50 8.64 -14.20 10.46
N VAL A 51 7.82 -15.18 10.87
CA VAL A 51 6.57 -14.98 11.66
C VAL A 51 6.74 -15.76 12.98
N VAL A 52 6.41 -15.14 14.11
CA VAL A 52 6.52 -15.75 15.47
C VAL A 52 5.25 -15.45 16.26
N MET A 53 4.82 -16.40 17.10
CA MET A 53 3.80 -16.20 18.16
C MET A 53 4.32 -15.14 19.14
N ALA A 54 3.43 -14.36 19.75
CA ALA A 54 3.76 -13.39 20.82
C ALA A 54 2.53 -13.09 21.68
N GLU A 55 2.75 -12.66 22.92
CA GLU A 55 1.70 -12.13 23.84
C GLU A 55 1.79 -10.61 23.84
N ALA A 56 0.72 -9.93 23.42
CA ALA A 56 0.60 -8.46 23.36
C ALA A 56 -0.45 -8.01 24.40
N VAL A 57 -0.03 -7.16 25.35
CA VAL A 57 -0.91 -6.66 26.46
C VAL A 57 -1.56 -5.34 26.01
N GLY A 58 -2.88 -5.35 25.78
CA GLY A 58 -3.70 -4.16 25.49
C GLY A 58 -3.80 -3.88 24.00
N ILE A 59 -3.38 -4.82 23.16
CA ILE A 59 -3.50 -4.73 21.67
C ILE A 59 -4.99 -4.69 21.29
N ASP A 60 -5.83 -5.39 22.05
CA ASP A 60 -7.31 -5.39 21.92
C ASP A 60 -7.87 -4.23 22.77
N LYS A 61 -8.47 -3.24 22.13
CA LYS A 61 -9.04 -2.03 22.79
C LYS A 61 -10.37 -2.38 23.45
N ASP A 62 -10.93 -3.57 23.17
CA ASP A 62 -12.16 -4.10 23.83
C ASP A 62 -11.78 -4.75 25.16
N LYS A 63 -10.51 -5.17 25.32
CA LYS A 63 -9.93 -5.69 26.60
C LYS A 63 -8.52 -5.13 26.75
N PRO A 64 -8.38 -3.84 27.15
CA PRO A 64 -7.09 -3.17 27.16
C PRO A 64 -6.10 -3.66 28.24
N LYS A 65 -6.59 -4.31 29.29
CA LYS A 65 -5.76 -4.83 30.41
C LYS A 65 -5.46 -6.33 30.19
N GLU A 66 -6.02 -6.95 29.15
CA GLU A 66 -5.87 -8.40 28.85
C GLU A 66 -4.77 -8.60 27.79
N ALA A 67 -3.81 -9.49 28.08
CA ALA A 67 -2.80 -10.01 27.14
C ALA A 67 -3.51 -10.88 26.10
N VAL A 68 -3.14 -10.73 24.82
CA VAL A 68 -3.73 -11.46 23.66
C VAL A 68 -2.59 -12.14 22.90
N THR A 69 -2.80 -13.37 22.42
CA THR A 69 -1.85 -14.09 21.53
C THR A 69 -1.95 -13.48 20.13
N VAL A 70 -0.81 -13.09 19.56
CA VAL A 70 -0.70 -12.44 18.21
C VAL A 70 0.44 -13.10 17.43
N ALA A 71 0.43 -12.93 16.11
CA ALA A 71 1.53 -13.33 15.19
C ALA A 71 2.29 -12.06 14.80
N VAL A 72 3.62 -12.09 14.88
CA VAL A 72 4.52 -10.94 14.61
C VAL A 72 5.39 -11.27 13.39
N LYS A 73 5.22 -10.54 12.28
CA LYS A 73 6.07 -10.66 11.07
C LYS A 73 7.27 -9.72 11.20
N MET A 74 8.47 -10.20 10.88
CA MET A 74 9.74 -9.42 11.00
C MET A 74 10.71 -9.88 9.90
N LEU A 75 11.86 -9.20 9.78
CA LEU A 75 12.92 -9.45 8.78
C LEU A 75 13.99 -10.37 9.38
N LYS A 76 14.64 -11.18 8.54
CA LYS A 76 15.83 -11.98 8.92
C LYS A 76 17.03 -11.03 9.07
N ASP A 77 18.12 -11.50 9.67
CA ASP A 77 19.31 -10.68 10.03
C ASP A 77 20.14 -10.37 8.78
N ASP A 78 19.80 -10.98 7.63
CA ASP A 78 20.50 -10.84 6.33
C ASP A 78 19.55 -10.24 5.28
N ALA A 79 18.47 -9.58 5.72
CA ALA A 79 17.44 -8.95 4.85
C ALA A 79 18.04 -7.72 4.15
N THR A 80 17.54 -7.40 2.94
CA THR A 80 18.02 -6.30 2.07
C THR A 80 17.11 -5.07 2.22
N GLU A 81 17.57 -3.92 1.72
CA GLU A 81 16.80 -2.65 1.71
C GLU A 81 15.42 -2.89 1.11
N LYS A 82 15.34 -3.66 0.03
CA LYS A 82 14.06 -3.98 -0.67
C LYS A 82 13.15 -4.81 0.26
N ASP A 83 13.73 -5.75 1.02
CA ASP A 83 12.98 -6.60 1.98
C ASP A 83 12.28 -5.71 3.01
N LEU A 84 12.97 -4.69 3.52
CA LEU A 84 12.39 -3.68 4.47
C LEU A 84 11.25 -2.93 3.79
N SER A 85 11.52 -2.32 2.64
CA SER A 85 10.54 -1.59 1.80
C SER A 85 9.30 -2.45 1.57
N ASP A 86 9.49 -3.72 1.19
CA ASP A 86 8.40 -4.67 0.85
C ASP A 86 7.53 -4.92 2.09
N LEU A 87 8.12 -5.02 3.27
CA LEU A 87 7.38 -5.26 4.55
C LEU A 87 6.58 -4.00 4.93
N VAL A 88 7.20 -2.82 4.84
CA VAL A 88 6.57 -1.51 5.15
C VAL A 88 5.36 -1.29 4.22
N SER A 89 5.51 -1.58 2.93
CA SER A 89 4.44 -1.48 1.90
C SER A 89 3.27 -2.42 2.23
N GLU A 90 3.57 -3.65 2.64
CA GLU A 90 2.56 -4.67 3.03
C GLU A 90 1.74 -4.12 4.20
N MET A 91 2.41 -3.55 5.20
CA MET A 91 1.78 -2.94 6.40
C MET A 91 0.87 -1.78 5.96
N GLU A 92 1.39 -0.84 5.17
CA GLU A 92 0.69 0.41 4.75
C GLU A 92 -0.53 0.06 3.90
N MET A 93 -0.46 -1.02 3.12
CA MET A 93 -1.57 -1.46 2.24
C MET A 93 -2.71 -2.04 3.10
N MET A 94 -2.37 -2.76 4.17
CA MET A 94 -3.36 -3.38 5.10
C MET A 94 -4.13 -2.27 5.83
N LYS A 95 -3.45 -1.17 6.15
CA LYS A 95 -4.07 0.06 6.74
C LYS A 95 -5.11 0.62 5.77
N MET A 96 -4.77 0.66 4.47
CA MET A 96 -5.62 1.23 3.39
C MET A 96 -6.82 0.30 3.13
N ILE A 97 -6.57 -1.01 3.02
CA ILE A 97 -7.61 -2.05 2.72
C ILE A 97 -8.63 -2.12 3.86
N GLY A 98 -8.20 -1.91 5.10
CA GLY A 98 -9.09 -1.91 6.29
C GLY A 98 -9.42 -3.32 6.74
N LYS A 99 -10.34 -3.46 7.70
CA LYS A 99 -10.58 -4.72 8.46
C LYS A 99 -11.82 -5.45 7.93
N HIS A 100 -11.76 -6.78 7.91
CA HIS A 100 -12.89 -7.71 7.61
C HIS A 100 -12.68 -9.00 8.42
N LYS A 101 -13.77 -9.70 8.75
CA LYS A 101 -13.75 -10.92 9.61
C LYS A 101 -12.91 -12.02 8.94
N ASN A 102 -13.01 -12.13 7.61
CA ASN A 102 -12.48 -13.28 6.82
C ASN A 102 -11.15 -12.91 6.16
N ILE A 103 -10.40 -11.98 6.74
CA ILE A 103 -8.98 -11.70 6.39
C ILE A 103 -8.16 -11.61 7.69
N ILE A 104 -6.86 -11.88 7.62
CA ILE A 104 -5.89 -11.62 8.73
C ILE A 104 -5.69 -10.10 8.81
N ASN A 105 -5.97 -9.49 9.95
CA ASN A 105 -6.01 -8.01 10.13
C ASN A 105 -4.74 -7.49 10.81
N LEU A 106 -4.27 -6.33 10.37
CA LEU A 106 -3.21 -5.54 11.05
C LEU A 106 -3.76 -5.08 12.41
N LEU A 107 -3.09 -5.48 13.50
CA LEU A 107 -3.45 -5.11 14.90
C LEU A 107 -2.60 -3.92 15.36
N GLY A 108 -1.37 -3.84 14.88
CA GLY A 108 -0.42 -2.76 15.23
C GLY A 108 0.95 -3.01 14.63
N ALA A 109 1.94 -2.20 15.01
CA ALA A 109 3.33 -2.28 14.53
C ALA A 109 4.29 -1.69 15.57
N CYS A 110 5.51 -2.22 15.66
CA CYS A 110 6.66 -1.61 16.38
C CYS A 110 7.64 -1.08 15.33
N THR A 111 7.60 0.23 15.07
CA THR A 111 8.38 0.93 14.02
C THR A 111 9.54 1.71 14.64
N GLN A 112 9.49 1.97 15.95
CA GLN A 112 10.45 2.83 16.68
C GLN A 112 11.26 1.99 17.66
N ASP A 113 12.48 2.44 17.94
CA ASP A 113 13.33 1.93 19.05
C ASP A 113 13.67 0.46 18.82
N GLY A 114 13.93 0.06 17.56
CA GLY A 114 14.40 -1.31 17.22
C GLY A 114 13.91 -1.81 15.87
N PRO A 115 13.97 -3.13 15.62
CA PRO A 115 13.57 -3.72 14.34
C PRO A 115 12.06 -3.62 14.11
N LEU A 116 11.64 -3.55 12.84
CA LEU A 116 10.21 -3.46 12.43
C LEU A 116 9.51 -4.77 12.78
N TYR A 117 8.47 -4.68 13.62
CA TYR A 117 7.50 -5.78 13.92
C TYR A 117 6.12 -5.36 13.39
N VAL A 118 5.52 -6.19 12.55
CA VAL A 118 4.13 -6.03 12.05
C VAL A 118 3.27 -7.07 12.77
N ILE A 119 2.32 -6.62 13.59
CA ILE A 119 1.50 -7.48 14.49
C ILE A 119 0.15 -7.73 13.83
N VAL A 120 -0.22 -9.00 13.65
CA VAL A 120 -1.48 -9.42 12.97
C VAL A 120 -2.19 -10.47 13.84
N GLU A 121 -3.47 -10.72 13.56
CA GLU A 121 -4.34 -11.69 14.27
C GLU A 121 -3.67 -13.07 14.25
N TYR A 122 -3.74 -13.80 15.36
CA TYR A 122 -3.22 -15.19 15.49
C TYR A 122 -4.35 -16.16 15.17
N ALA A 123 -4.03 -17.21 14.41
CA ALA A 123 -4.95 -18.28 13.96
C ALA A 123 -4.47 -19.63 14.52
N SER A 124 -5.05 -20.06 15.64
CA SER A 124 -4.57 -21.22 16.44
C SER A 124 -4.63 -22.52 15.65
N LYS A 125 -5.62 -22.68 14.77
CA LYS A 125 -5.90 -23.96 14.04
C LYS A 125 -5.00 -24.10 12.80
N GLY A 126 -4.15 -23.10 12.51
CA GLY A 126 -3.16 -23.17 11.42
C GLY A 126 -3.79 -22.92 10.06
N ASN A 127 -3.13 -23.36 8.99
CA ASN A 127 -3.59 -23.11 7.60
C ASN A 127 -4.70 -24.11 7.24
N LEU A 128 -5.49 -23.79 6.22
CA LEU A 128 -6.73 -24.53 5.83
C LEU A 128 -6.38 -25.95 5.39
N ARG A 129 -5.30 -26.12 4.63
CA ARG A 129 -4.86 -27.45 4.10
C ARG A 129 -4.65 -28.41 5.28
N GLU A 130 -3.87 -28.01 6.27
CA GLU A 130 -3.49 -28.86 7.44
C GLU A 130 -4.70 -28.98 8.37
N TYR A 131 -5.56 -27.95 8.43
CA TYR A 131 -6.81 -27.92 9.21
C TYR A 131 -7.79 -28.97 8.67
N LEU A 132 -7.99 -29.00 7.35
CA LEU A 132 -8.92 -29.93 6.65
C LEU A 132 -8.39 -31.36 6.76
N ARG A 133 -7.12 -31.59 6.39
CA ARG A 133 -6.48 -32.92 6.37
C ARG A 133 -6.63 -33.59 7.74
N ALA A 134 -6.43 -32.83 8.83
CA ALA A 134 -6.52 -33.32 10.23
C ALA A 134 -7.96 -33.71 10.56
N ARG A 135 -8.94 -33.04 9.95
CA ARG A 135 -10.40 -33.22 10.24
C ARG A 135 -11.06 -34.07 9.15
N ARG A 136 -10.29 -34.95 8.49
CA ARG A 136 -10.81 -35.90 7.47
C ARG A 136 -11.58 -37.02 8.18
N PRO A 137 -12.69 -37.53 7.59
CA PRO A 137 -13.36 -38.71 8.13
C PRO A 137 -12.52 -39.98 7.99
N PRO A 138 -12.91 -41.10 8.64
CA PRO A 138 -12.30 -42.40 8.35
C PRO A 138 -12.58 -42.87 6.92
N GLY A 139 -11.54 -43.38 6.24
CA GLY A 139 -11.60 -43.81 4.82
C GLY A 139 -10.70 -42.97 3.92
N MET A 140 -10.08 -41.92 4.47
CA MET A 140 -9.14 -41.02 3.74
C MET A 140 -7.78 -41.02 4.45
N GLU A 141 -6.72 -40.66 3.71
CA GLU A 141 -5.31 -40.63 4.17
C GLU A 141 -5.18 -39.66 5.36
N TYR A 142 -4.89 -40.20 6.55
CA TYR A 142 -4.77 -39.45 7.83
C TYR A 142 -3.67 -40.10 8.68
N SER A 143 -3.14 -39.39 9.68
CA SER A 143 -2.12 -39.91 10.64
C SER A 143 -2.11 -39.09 11.93
N TYR A 144 -2.28 -39.77 13.08
CA TYR A 144 -2.16 -39.24 14.46
C TYR A 144 -1.23 -38.02 14.49
N VAL A 149 -9.28 -35.34 16.41
CA VAL A 149 -10.49 -35.35 17.30
C VAL A 149 -11.71 -35.73 16.47
N PRO A 150 -12.49 -36.76 16.88
CA PRO A 150 -13.70 -37.14 16.13
C PRO A 150 -14.77 -36.04 16.11
N GLU A 151 -14.89 -35.25 17.18
CA GLU A 151 -15.89 -34.13 17.32
C GLU A 151 -15.61 -33.05 16.26
N GLU A 152 -14.34 -32.83 15.91
CA GLU A 152 -13.90 -31.72 15.02
C GLU A 152 -13.95 -32.15 13.55
N GLN A 153 -14.38 -33.38 13.26
CA GLN A 153 -14.53 -33.93 11.87
C GLN A 153 -15.47 -33.05 11.06
N MET A 154 -15.13 -32.80 9.79
CA MET A 154 -15.86 -31.88 8.88
C MET A 154 -17.17 -32.54 8.42
N THR A 155 -18.23 -31.75 8.26
CA THR A 155 -19.50 -32.10 7.56
C THR A 155 -19.58 -31.29 6.26
N PHE A 156 -20.45 -31.69 5.33
CA PHE A 156 -20.66 -30.98 4.04
C PHE A 156 -21.01 -29.52 4.31
N LYS A 157 -21.90 -29.27 5.28
CA LYS A 157 -22.35 -27.91 5.72
C LYS A 157 -21.12 -27.07 6.09
N ASP A 158 -20.15 -27.68 6.77
CA ASP A 158 -18.89 -27.02 7.22
C ASP A 158 -18.04 -26.65 6.00
N LEU A 159 -17.99 -27.50 4.97
CA LEU A 159 -17.21 -27.27 3.73
C LEU A 159 -17.85 -26.13 2.94
N VAL A 160 -19.19 -26.08 2.88
CA VAL A 160 -19.95 -24.98 2.21
C VAL A 160 -19.70 -23.69 2.99
N SER A 161 -19.90 -23.72 4.31
CA SER A 161 -19.68 -22.58 5.23
C SER A 161 -18.26 -22.02 5.03
N CYS A 162 -17.27 -22.90 4.99
CA CYS A 162 -15.83 -22.58 4.81
C CYS A 162 -15.64 -21.84 3.46
N THR A 163 -16.21 -22.37 2.38
CA THR A 163 -16.17 -21.78 1.02
C THR A 163 -16.83 -20.40 1.03
N TYR A 164 -18.02 -20.30 1.62
CA TYR A 164 -18.83 -19.06 1.70
C TYR A 164 -18.01 -17.95 2.38
N GLN A 165 -17.36 -18.27 3.50
CA GLN A 165 -16.55 -17.32 4.31
C GLN A 165 -15.43 -16.71 3.44
N LEU A 166 -14.70 -17.56 2.72
CA LEU A 166 -13.54 -17.14 1.88
C LEU A 166 -14.02 -16.30 0.69
N ALA A 167 -15.22 -16.57 0.18
CA ALA A 167 -15.87 -15.78 -0.89
C ALA A 167 -16.18 -14.38 -0.36
N ARG A 168 -16.75 -14.29 0.85
CA ARG A 168 -17.05 -13.00 1.53
C ARG A 168 -15.75 -12.21 1.68
N GLY A 169 -14.69 -12.86 2.15
CA GLY A 169 -13.35 -12.25 2.30
C GLY A 169 -12.85 -11.65 1.01
N MET A 170 -12.89 -12.42 -0.09
CA MET A 170 -12.39 -12.00 -1.42
C MET A 170 -13.28 -10.89 -2.00
N GLU A 171 -14.59 -10.94 -1.75
CA GLU A 171 -15.54 -9.86 -2.16
C GLU A 171 -15.07 -8.55 -1.54
N TYR A 172 -14.69 -8.56 -0.26
CA TYR A 172 -14.22 -7.37 0.47
C TYR A 172 -12.93 -6.86 -0.18
N LEU A 173 -11.90 -7.71 -0.24
CA LEU A 173 -10.57 -7.37 -0.83
C LEU A 173 -10.76 -6.75 -2.22
N ALA A 174 -11.59 -7.37 -3.06
CA ALA A 174 -11.87 -6.94 -4.45
C ALA A 174 -12.53 -5.55 -4.46
N SER A 175 -13.47 -5.31 -3.54
CA SER A 175 -14.21 -4.02 -3.39
C SER A 175 -13.25 -2.92 -2.94
N GLN A 176 -12.16 -3.29 -2.27
CA GLN A 176 -11.08 -2.39 -1.79
C GLN A 176 -9.92 -2.34 -2.79
N LYS A 177 -10.18 -2.72 -4.05
CA LYS A 177 -9.23 -2.61 -5.18
C LYS A 177 -7.96 -3.43 -4.90
N CYS A 178 -8.10 -4.56 -4.20
CA CYS A 178 -6.98 -5.48 -3.85
C CYS A 178 -7.04 -6.75 -4.69
N ILE A 179 -5.94 -7.05 -5.39
CA ILE A 179 -5.74 -8.30 -6.20
C ILE A 179 -4.71 -9.17 -5.47
N HIS A 180 -5.13 -10.36 -5.04
CA HIS A 180 -4.34 -11.29 -4.18
C HIS A 180 -3.14 -11.85 -4.96
N ARG A 181 -3.41 -12.53 -6.08
CA ARG A 181 -2.43 -13.07 -7.06
C ARG A 181 -1.89 -14.44 -6.61
N ASP A 182 -2.25 -14.92 -5.42
CA ASP A 182 -1.78 -16.24 -4.91
C ASP A 182 -2.78 -16.78 -3.89
N LEU A 183 -4.07 -16.77 -4.22
CA LEU A 183 -5.16 -17.35 -3.39
C LEU A 183 -5.03 -18.89 -3.46
N ALA A 184 -4.86 -19.53 -2.29
CA ALA A 184 -4.71 -20.99 -2.12
C ALA A 184 -4.86 -21.35 -0.64
N ALA A 185 -5.14 -22.61 -0.33
CA ALA A 185 -5.40 -23.12 1.04
C ALA A 185 -4.22 -22.79 1.97
N ARG A 186 -2.99 -22.76 1.46
CA ARG A 186 -1.76 -22.49 2.25
C ARG A 186 -1.72 -21.03 2.69
N ASN A 187 -2.41 -20.14 1.99
CA ASN A 187 -2.51 -18.68 2.32
C ASN A 187 -3.86 -18.38 2.97
N VAL A 188 -4.54 -19.40 3.48
CA VAL A 188 -5.75 -19.28 4.35
C VAL A 188 -5.39 -19.81 5.74
N LEU A 189 -5.82 -19.12 6.79
CA LEU A 189 -5.59 -19.52 8.21
C LEU A 189 -6.94 -19.63 8.92
N VAL A 190 -7.01 -20.48 9.95
CA VAL A 190 -8.26 -20.80 10.70
C VAL A 190 -8.04 -20.47 12.18
N THR A 191 -8.95 -19.68 12.78
CA THR A 191 -8.85 -19.15 14.16
C THR A 191 -9.46 -20.14 15.15
N GLU A 192 -9.35 -19.85 16.45
CA GLU A 192 -9.83 -20.70 17.57
C GLU A 192 -11.30 -21.07 17.36
N ASN A 193 -12.10 -20.15 16.79
CA ASN A 193 -13.56 -20.29 16.60
C ASN A 193 -13.87 -20.65 15.14
N ASN A 194 -12.93 -21.28 14.44
CA ASN A 194 -13.10 -21.86 13.08
C ASN A 194 -13.45 -20.77 12.05
N VAL A 195 -12.98 -19.54 12.27
CA VAL A 195 -13.17 -18.40 11.30
C VAL A 195 -12.08 -18.49 10.24
N MET A 196 -12.49 -18.48 8.96
CA MET A 196 -11.57 -18.54 7.79
C MET A 196 -11.04 -17.13 7.52
N LYS A 197 -9.72 -16.94 7.57
CA LYS A 197 -9.04 -15.63 7.33
C LYS A 197 -8.00 -15.80 6.22
N ILE A 198 -8.09 -14.95 5.19
CA ILE A 198 -7.17 -14.90 4.01
C ILE A 198 -5.89 -14.17 4.43
N ALA A 199 -4.72 -14.66 4.00
CA ALA A 199 -3.39 -14.10 4.35
C ALA A 199 -2.65 -13.69 3.07
N ASP A 200 -1.51 -12.97 3.24
CA ASP A 200 -0.60 -12.50 2.17
C ASP A 200 -1.39 -11.83 1.03
N PHE A 201 -2.30 -10.92 1.38
CA PHE A 201 -3.16 -10.19 0.42
C PHE A 201 -2.63 -8.76 0.20
N GLY A 202 -1.74 -8.29 1.07
CA GLY A 202 -1.19 -6.92 1.03
C GLY A 202 0.04 -6.86 0.13
N LEU A 203 0.66 -8.00 -0.13
CA LEU A 203 1.94 -8.13 -0.86
C LEU A 203 1.81 -7.39 -2.19
N ALA A 204 2.46 -6.23 -2.29
CA ALA A 204 2.68 -5.48 -3.55
C ALA A 204 4.08 -5.82 -4.07
N ARG A 205 4.64 -6.96 -3.63
CA ARG A 205 6.04 -7.39 -3.89
C ARG A 205 6.21 -7.68 -5.39
N VAL A 206 7.31 -7.18 -5.96
CA VAL A 206 7.84 -7.59 -7.28
C VAL A 206 8.91 -8.66 -7.02
N ILE A 207 8.90 -9.74 -7.79
CA ILE A 207 9.81 -10.91 -7.63
C ILE A 207 10.61 -11.09 -8.92
N ASN A 208 11.89 -11.40 -8.80
CA ASN A 208 12.73 -11.98 -9.89
C ASN A 208 12.93 -13.46 -9.57
N ASN A 209 13.75 -14.16 -10.35
CA ASN A 209 14.12 -15.58 -10.07
C ASN A 209 12.82 -16.40 -10.03
N ILE A 210 11.96 -16.23 -11.04
CA ILE A 210 10.69 -17.00 -11.22
C ILE A 210 11.03 -18.39 -11.78
N ASP A 211 10.40 -19.43 -11.23
CA ASP A 211 10.49 -20.83 -11.72
C ASP A 211 9.19 -21.55 -11.34
N TYR A 212 8.28 -21.74 -12.30
CA TYR A 212 6.96 -22.37 -12.11
C TYR A 212 7.07 -23.89 -12.30
N TYR A 213 8.27 -24.40 -12.62
CA TYR A 213 8.57 -25.85 -12.77
C TYR A 213 9.10 -26.41 -11.44
N LYS A 214 10.05 -25.71 -10.81
CA LYS A 214 10.70 -26.12 -9.53
C LYS A 214 9.73 -25.90 -8.37
N LYS A 215 9.55 -26.94 -7.52
CA LYS A 215 8.67 -26.94 -6.33
C LYS A 215 9.24 -26.01 -5.27
N THR A 216 8.37 -25.39 -4.47
CA THR A 216 8.76 -24.51 -3.33
C THR A 216 9.22 -25.41 -2.17
N THR A 217 9.49 -24.81 -1.00
CA THR A 217 10.08 -25.49 0.18
C THR A 217 9.22 -26.69 0.56
N ASN A 218 7.89 -26.50 0.62
CA ASN A 218 6.92 -27.51 1.14
C ASN A 218 6.23 -28.23 -0.03
N GLY A 219 6.86 -28.27 -1.20
CA GLY A 219 6.48 -29.15 -2.33
C GLY A 219 5.36 -28.60 -3.20
N ARG A 220 4.93 -27.35 -2.96
CA ARG A 220 3.83 -26.69 -3.72
C ARG A 220 4.36 -26.21 -5.08
N LEU A 221 3.50 -26.24 -6.11
CA LEU A 221 3.69 -25.57 -7.42
C LEU A 221 2.61 -24.51 -7.57
N PRO A 222 2.85 -23.24 -7.18
CA PRO A 222 1.86 -22.18 -7.27
C PRO A 222 1.21 -21.96 -8.65
N VAL A 223 1.82 -22.47 -9.72
CA VAL A 223 1.30 -22.38 -11.12
C VAL A 223 -0.05 -23.12 -11.23
N LYS A 224 -0.28 -24.12 -10.37
CA LYS A 224 -1.51 -24.95 -10.38
C LYS A 224 -2.71 -24.13 -9.88
N TRP A 225 -2.48 -22.93 -9.32
CA TRP A 225 -3.54 -21.99 -8.88
C TRP A 225 -3.67 -20.82 -9.86
N MET A 226 -2.71 -20.65 -10.76
CA MET A 226 -2.64 -19.46 -11.68
C MET A 226 -3.59 -19.66 -12.86
N ALA A 227 -4.36 -18.62 -13.20
CA ALA A 227 -5.21 -18.57 -14.40
C ALA A 227 -4.32 -18.50 -15.63
N PRO A 228 -4.77 -19.00 -16.80
CA PRO A 228 -3.94 -19.00 -18.00
C PRO A 228 -3.29 -17.64 -18.29
N GLU A 229 -4.07 -16.56 -18.25
CA GLU A 229 -3.61 -15.18 -18.63
C GLU A 229 -2.56 -14.69 -17.63
N ALA A 230 -2.61 -15.18 -16.38
CA ALA A 230 -1.63 -14.88 -15.32
C ALA A 230 -0.29 -15.54 -15.66
N LEU A 231 -0.32 -16.79 -16.15
CA LEU A 231 0.90 -17.54 -16.56
C LEU A 231 1.56 -16.84 -17.76
N PHE A 232 0.88 -16.84 -18.89
CA PHE A 232 1.44 -16.48 -20.22
C PHE A 232 1.67 -14.97 -20.32
N ASP A 233 0.71 -14.15 -19.90
CA ASP A 233 0.70 -12.68 -20.12
C ASP A 233 1.02 -11.93 -18.82
N ARG A 234 1.12 -12.62 -17.68
CA ARG A 234 1.33 -12.04 -16.33
C ARG A 234 0.24 -11.00 -16.05
N VAL A 235 -1.00 -11.31 -16.47
CA VAL A 235 -2.20 -10.45 -16.26
C VAL A 235 -2.92 -10.94 -15.00
N TYR A 236 -2.83 -10.17 -13.91
CA TYR A 236 -3.45 -10.46 -12.60
C TYR A 236 -4.58 -9.46 -12.36
N THR A 237 -5.82 -9.95 -12.32
CA THR A 237 -7.07 -9.17 -12.09
C THR A 237 -7.90 -9.89 -11.02
N HIS A 238 -9.07 -9.35 -10.69
CA HIS A 238 -10.06 -9.99 -9.79
C HIS A 238 -10.57 -11.28 -10.44
N GLN A 239 -10.67 -11.32 -11.77
CA GLN A 239 -11.14 -12.52 -12.53
C GLN A 239 -10.08 -13.63 -12.47
N SER A 240 -8.79 -13.27 -12.48
CA SER A 240 -7.66 -14.22 -12.32
C SER A 240 -7.67 -14.79 -10.89
N ASP A 241 -8.06 -13.97 -9.91
CA ASP A 241 -8.25 -14.39 -8.49
C ASP A 241 -9.40 -15.40 -8.40
N VAL A 242 -10.45 -15.21 -9.21
CA VAL A 242 -11.66 -16.09 -9.24
C VAL A 242 -11.26 -17.49 -9.69
N TRP A 243 -10.41 -17.60 -10.71
CA TRP A 243 -9.83 -18.90 -11.17
C TRP A 243 -9.21 -19.60 -9.96
N SER A 244 -8.34 -18.89 -9.24
CA SER A 244 -7.62 -19.39 -8.03
C SER A 244 -8.64 -19.84 -6.98
N PHE A 245 -9.73 -19.09 -6.80
CA PHE A 245 -10.82 -19.44 -5.86
C PHE A 245 -11.45 -20.77 -6.27
N GLY A 246 -11.52 -21.03 -7.58
CA GLY A 246 -11.96 -22.32 -8.14
C GLY A 246 -11.11 -23.46 -7.62
N VAL A 247 -9.79 -23.31 -7.73
CA VAL A 247 -8.79 -24.34 -7.30
C VAL A 247 -8.85 -24.48 -5.77
N LEU A 248 -9.09 -23.36 -5.07
CA LEU A 248 -9.30 -23.32 -3.61
C LEU A 248 -10.55 -24.14 -3.24
N MET A 249 -11.63 -24.01 -4.01
CA MET A 249 -12.88 -24.79 -3.82
C MET A 249 -12.55 -26.29 -3.93
N TRP A 250 -11.78 -26.69 -4.94
CA TRP A 250 -11.34 -28.10 -5.14
C TRP A 250 -10.62 -28.58 -3.88
N GLU A 251 -9.61 -27.83 -3.42
CA GLU A 251 -8.84 -28.13 -2.19
C GLU A 251 -9.78 -28.42 -1.01
N ILE A 252 -10.82 -27.59 -0.85
CA ILE A 252 -11.77 -27.64 0.29
C ILE A 252 -12.59 -28.94 0.24
N PHE A 253 -13.14 -29.28 -0.94
CA PHE A 253 -14.13 -30.39 -1.10
C PHE A 253 -13.39 -31.72 -1.30
N THR A 254 -12.07 -31.68 -1.49
CA THR A 254 -11.17 -32.87 -1.43
C THR A 254 -10.53 -32.94 -0.04
N LEU A 255 -10.86 -31.99 0.84
CA LEU A 255 -10.32 -31.87 2.23
C LEU A 255 -8.79 -31.90 2.18
N GLY A 256 -8.18 -30.83 1.66
CA GLY A 256 -6.72 -30.65 1.60
C GLY A 256 -6.07 -31.39 0.45
N GLY A 257 -6.83 -31.75 -0.58
CA GLY A 257 -6.31 -32.40 -1.80
C GLY A 257 -5.35 -31.48 -2.53
N SER A 258 -4.25 -32.05 -3.05
CA SER A 258 -3.26 -31.35 -3.89
C SER A 258 -3.76 -31.30 -5.34
N PRO A 259 -4.00 -30.11 -5.92
CA PRO A 259 -4.54 -29.99 -7.28
C PRO A 259 -3.71 -30.63 -8.40
N TYR A 260 -4.36 -30.97 -9.52
CA TYR A 260 -3.77 -31.67 -10.68
C TYR A 260 -2.72 -32.67 -10.17
N PRO A 261 -3.14 -33.66 -9.33
CA PRO A 261 -2.21 -34.53 -8.64
C PRO A 261 -1.44 -35.44 -9.61
N GLY A 262 -0.11 -35.45 -9.50
CA GLY A 262 0.78 -36.30 -10.30
C GLY A 262 0.94 -35.82 -11.73
N ILE A 263 0.34 -34.68 -12.09
CA ILE A 263 0.46 -34.03 -13.43
C ILE A 263 1.72 -33.17 -13.43
N PRO A 264 2.72 -33.46 -14.28
CA PRO A 264 3.88 -32.57 -14.43
C PRO A 264 3.46 -31.22 -15.02
N VAL A 265 4.22 -30.17 -14.73
CA VAL A 265 3.87 -28.75 -15.07
C VAL A 265 3.74 -28.62 -16.59
N GLU A 266 4.64 -29.25 -17.36
CA GLU A 266 4.60 -29.26 -18.84
C GLU A 266 3.21 -29.69 -19.31
N GLU A 267 2.72 -30.85 -18.86
CA GLU A 267 1.42 -31.45 -19.27
C GLU A 267 0.27 -30.51 -18.91
N LEU A 268 0.37 -29.81 -17.77
CA LEU A 268 -0.70 -28.93 -17.23
C LEU A 268 -1.13 -27.91 -18.30
N PHE A 269 -0.18 -27.17 -18.86
CA PHE A 269 -0.41 -26.08 -19.84
C PHE A 269 -1.16 -26.65 -21.04
N LYS A 270 -0.69 -27.77 -21.59
CA LYS A 270 -1.30 -28.50 -22.73
C LYS A 270 -2.74 -28.92 -22.35
N LEU A 271 -2.93 -29.43 -21.13
CA LEU A 271 -4.22 -29.95 -20.63
C LEU A 271 -5.26 -28.82 -20.58
N LEU A 272 -4.89 -27.68 -20.00
CA LEU A 272 -5.79 -26.50 -19.83
C LEU A 272 -6.11 -25.89 -21.20
N LYS A 273 -5.11 -25.85 -22.10
CA LYS A 273 -5.25 -25.36 -23.50
C LYS A 273 -6.32 -26.19 -24.24
N GLU A 274 -6.30 -27.51 -24.06
CA GLU A 274 -7.24 -28.47 -24.72
C GLU A 274 -8.63 -28.39 -24.07
N GLY A 275 -8.75 -27.70 -22.94
CA GLY A 275 -10.04 -27.37 -22.28
C GLY A 275 -10.40 -28.36 -21.18
N HIS A 276 -9.46 -29.24 -20.80
CA HIS A 276 -9.62 -30.22 -19.69
C HIS A 276 -9.40 -29.49 -18.35
N ARG A 277 -10.28 -29.73 -17.38
CA ARG A 277 -10.21 -29.21 -16.00
C ARG A 277 -10.12 -30.37 -15.02
N MET A 278 -10.01 -30.09 -13.71
CA MET A 278 -9.98 -31.11 -12.65
C MET A 278 -11.36 -31.77 -12.53
N ASP A 279 -11.40 -33.04 -12.11
CA ASP A 279 -12.63 -33.85 -11.95
C ASP A 279 -13.42 -33.35 -10.74
N LYS A 280 -14.71 -33.70 -10.67
CA LYS A 280 -15.61 -33.37 -9.54
C LYS A 280 -15.17 -34.15 -8.31
N PRO A 281 -14.84 -33.47 -7.18
CA PRO A 281 -14.54 -34.17 -5.92
C PRO A 281 -15.71 -35.03 -5.43
N ALA A 282 -15.41 -36.06 -4.64
CA ALA A 282 -16.41 -37.00 -4.05
C ALA A 282 -17.48 -36.22 -3.28
N ASN A 283 -17.05 -35.30 -2.40
CA ASN A 283 -17.94 -34.57 -1.45
C ASN A 283 -18.67 -33.41 -2.16
N CYS A 284 -18.26 -33.06 -3.38
CA CYS A 284 -18.85 -31.95 -4.17
C CYS A 284 -20.21 -32.38 -4.74
N THR A 285 -21.16 -31.43 -4.82
CA THR A 285 -22.47 -31.59 -5.52
C THR A 285 -22.30 -31.09 -6.96
N ASN A 286 -23.23 -31.45 -7.84
CA ASN A 286 -23.21 -31.04 -9.28
C ASN A 286 -23.29 -29.51 -9.37
N GLU A 287 -24.15 -28.89 -8.56
CA GLU A 287 -24.33 -27.41 -8.48
C GLU A 287 -22.99 -26.75 -8.12
N LEU A 288 -22.30 -27.28 -7.11
CA LEU A 288 -21.02 -26.71 -6.57
C LEU A 288 -19.88 -26.92 -7.57
N TYR A 289 -19.86 -28.04 -8.29
CA TYR A 289 -18.82 -28.35 -9.31
C TYR A 289 -18.97 -27.42 -10.51
N MET A 290 -20.21 -27.08 -10.89
CA MET A 290 -20.52 -26.15 -12.01
C MET A 290 -20.05 -24.74 -11.63
N MET A 291 -20.02 -24.43 -10.33
CA MET A 291 -19.46 -23.16 -9.80
C MET A 291 -17.94 -23.17 -9.98
N MET A 292 -17.28 -24.29 -9.65
CA MET A 292 -15.81 -24.49 -9.81
C MET A 292 -15.44 -24.34 -11.29
N ARG A 293 -16.22 -24.95 -12.18
CA ARG A 293 -15.95 -24.98 -13.64
C ARG A 293 -16.19 -23.60 -14.26
N ASP A 294 -17.15 -22.84 -13.73
CA ASP A 294 -17.42 -21.44 -14.13
C ASP A 294 -16.20 -20.58 -13.82
N CYS A 295 -15.57 -20.79 -12.66
CA CYS A 295 -14.31 -20.10 -12.24
C CYS A 295 -13.18 -20.40 -13.23
N TRP A 296 -13.18 -21.59 -13.81
CA TRP A 296 -12.10 -22.08 -14.71
C TRP A 296 -12.44 -21.85 -16.18
N HIS A 297 -13.27 -20.85 -16.49
CA HIS A 297 -13.52 -20.40 -17.89
C HIS A 297 -12.24 -19.76 -18.43
N ALA A 298 -11.80 -20.19 -19.62
CA ALA A 298 -10.59 -19.69 -20.30
C ALA A 298 -10.66 -18.16 -20.43
N VAL A 299 -11.82 -17.64 -20.83
CA VAL A 299 -12.09 -16.18 -21.02
C VAL A 299 -12.35 -15.55 -19.64
N PRO A 300 -11.50 -14.60 -19.17
CA PRO A 300 -11.66 -13.99 -17.86
C PRO A 300 -13.05 -13.39 -17.58
N SER A 301 -13.65 -12.76 -18.59
CA SER A 301 -14.92 -12.00 -18.50
C SER A 301 -16.12 -12.94 -18.37
N GLN A 302 -15.95 -14.23 -18.68
CA GLN A 302 -17.01 -15.27 -18.59
C GLN A 302 -16.97 -15.97 -17.23
N ARG A 303 -15.99 -15.67 -16.39
CA ARG A 303 -15.91 -16.17 -14.99
C ARG A 303 -16.91 -15.39 -14.13
N PRO A 304 -17.43 -15.99 -13.04
CA PRO A 304 -18.29 -15.28 -12.10
C PRO A 304 -17.49 -14.25 -11.29
N THR A 305 -18.15 -13.18 -10.83
CA THR A 305 -17.59 -12.18 -9.89
C THR A 305 -17.73 -12.74 -8.47
N PHE A 306 -17.00 -12.19 -7.51
CA PHE A 306 -17.05 -12.63 -6.09
C PHE A 306 -18.41 -12.27 -5.49
N LYS A 307 -18.99 -11.14 -5.92
CA LYS A 307 -20.36 -10.69 -5.53
C LYS A 307 -21.35 -11.81 -5.84
N GLN A 308 -21.21 -12.44 -7.02
CA GLN A 308 -22.08 -13.55 -7.51
C GLN A 308 -21.79 -14.83 -6.73
N LEU A 309 -20.52 -15.10 -6.44
CA LEU A 309 -20.07 -16.32 -5.70
C LEU A 309 -20.65 -16.28 -4.27
N VAL A 310 -20.65 -15.12 -3.63
CA VAL A 310 -21.17 -14.92 -2.24
C VAL A 310 -22.68 -15.19 -2.23
N GLU A 311 -23.42 -14.61 -3.18
CA GLU A 311 -24.90 -14.74 -3.29
C GLU A 311 -25.26 -16.20 -3.56
N ASP A 312 -24.52 -16.87 -4.46
CA ASP A 312 -24.71 -18.31 -4.80
C ASP A 312 -24.45 -19.16 -3.55
N LEU A 313 -23.32 -18.96 -2.88
CA LEU A 313 -22.89 -19.79 -1.71
C LEU A 313 -23.80 -19.52 -0.51
N ASP A 314 -24.28 -18.29 -0.33
CA ASP A 314 -25.25 -17.91 0.74
C ASP A 314 -26.56 -18.69 0.54
N ARG A 315 -26.99 -18.86 -0.70
CA ARG A 315 -28.24 -19.58 -1.08
C ARG A 315 -28.09 -21.06 -0.68
N ILE A 316 -26.99 -21.71 -1.10
CA ILE A 316 -26.72 -23.16 -0.88
C ILE A 316 -26.59 -23.44 0.62
N LEU A 317 -26.00 -22.50 1.38
CA LEU A 317 -25.73 -22.64 2.83
C LEU A 317 -27.04 -22.59 3.62
N THR A 318 -27.98 -21.73 3.23
CA THR A 318 -29.33 -21.63 3.86
C THR A 318 -30.17 -22.87 3.53
N LEU A 319 -29.91 -23.51 2.38
CA LEU A 319 -30.65 -24.71 1.91
C LEU A 319 -30.17 -25.95 2.68
N THR A 320 -28.87 -26.26 2.63
CA THR A 320 -28.25 -27.44 3.33
C THR A 320 -28.71 -27.45 4.79
N THR A 321 -28.84 -26.27 5.40
CA THR A 321 -29.43 -26.05 6.76
C THR A 321 -30.95 -25.85 6.62
N SER B 11 20.86 -3.60 4.76
CA SER B 11 22.09 -2.79 4.46
C SER B 11 22.56 -3.04 3.03
N GLN B 12 22.26 -4.21 2.46
CA GLN B 12 22.61 -4.57 1.05
C GLN B 12 21.45 -4.15 0.12
N ASP B 13 21.78 -3.45 -0.97
CA ASP B 13 20.81 -2.90 -1.95
C ASP B 13 21.39 -3.11 -3.34
N PRO B 14 21.29 -4.33 -3.89
CA PRO B 14 21.83 -4.66 -5.22
C PRO B 14 21.22 -3.79 -6.34
N MET B 15 21.98 -3.58 -7.41
CA MET B 15 21.80 -2.47 -8.39
C MET B 15 20.95 -2.89 -9.60
N LEU B 16 20.12 -3.94 -9.47
CA LEU B 16 19.01 -4.22 -10.43
C LEU B 16 19.58 -4.67 -11.78
N ALA B 17 20.57 -3.93 -12.30
CA ALA B 17 21.38 -4.28 -13.49
C ALA B 17 22.42 -5.35 -13.15
N GLY B 18 22.58 -5.72 -11.87
CA GLY B 18 23.54 -6.74 -11.40
C GLY B 18 22.86 -7.98 -10.83
N VAL B 19 21.53 -8.03 -10.87
CA VAL B 19 20.71 -9.19 -10.41
C VAL B 19 19.71 -9.54 -11.53
N SER B 20 19.07 -10.71 -11.44
CA SER B 20 18.04 -11.20 -12.40
C SER B 20 16.95 -10.14 -12.56
N GLU B 21 16.45 -9.95 -13.78
CA GLU B 21 15.36 -9.01 -14.13
C GLU B 21 14.11 -9.35 -13.31
N TYR B 22 13.41 -8.31 -12.83
CA TYR B 22 12.16 -8.43 -12.03
C TYR B 22 10.94 -8.51 -12.97
N GLU B 23 9.90 -9.19 -12.49
CA GLU B 23 8.63 -9.44 -13.22
C GLU B 23 7.51 -8.69 -12.50
N LEU B 24 6.76 -7.87 -13.23
CA LEU B 24 5.66 -7.04 -12.67
C LEU B 24 4.33 -7.63 -13.14
N PRO B 25 3.27 -7.56 -12.32
CA PRO B 25 1.94 -7.99 -12.73
C PRO B 25 1.26 -6.88 -13.55
N GLU B 26 0.49 -7.24 -14.57
CA GLU B 26 -0.30 -6.29 -15.40
C GLU B 26 -1.72 -6.20 -14.85
N ASP B 27 -2.22 -4.98 -14.70
CA ASP B 27 -3.66 -4.67 -14.45
C ASP B 27 -4.16 -3.93 -15.69
N PRO B 28 -4.88 -4.62 -16.62
CA PRO B 28 -5.36 -4.00 -17.85
C PRO B 28 -6.07 -2.64 -17.66
N LYS B 29 -6.77 -2.47 -16.54
CA LYS B 29 -7.43 -1.19 -16.14
C LYS B 29 -6.42 -0.04 -16.22
N TRP B 30 -5.17 -0.30 -15.82
CA TRP B 30 -4.11 0.73 -15.64
C TRP B 30 -3.08 0.69 -16.77
N GLU B 31 -2.86 -0.49 -17.37
CA GLU B 31 -1.81 -0.69 -18.41
C GLU B 31 -2.07 0.27 -19.58
N PHE B 32 -1.03 0.95 -20.06
CA PHE B 32 -1.08 1.85 -21.24
C PHE B 32 -0.15 1.28 -22.31
N PRO B 33 -0.62 1.16 -23.57
CA PRO B 33 0.19 0.59 -24.64
C PRO B 33 1.38 1.51 -25.01
N ARG B 34 2.56 0.91 -25.14
CA ARG B 34 3.86 1.60 -25.32
C ARG B 34 3.88 2.36 -26.65
N ASP B 35 3.20 1.84 -27.67
CA ASP B 35 3.21 2.39 -29.05
C ASP B 35 2.40 3.69 -29.12
N LYS B 36 1.57 3.97 -28.12
CA LYS B 36 0.77 5.22 -28.03
C LYS B 36 1.47 6.24 -27.13
N LEU B 37 2.59 5.87 -26.49
CA LEU B 37 3.41 6.78 -25.64
C LEU B 37 4.67 7.19 -26.40
N THR B 38 4.91 8.50 -26.53
CA THR B 38 6.08 9.11 -27.21
C THR B 38 6.89 9.92 -26.19
N LEU B 39 8.03 9.38 -25.75
CA LEU B 39 8.96 10.03 -24.78
C LEU B 39 9.52 11.32 -25.42
N GLY B 40 9.65 12.36 -24.61
CA GLY B 40 10.17 13.68 -25.03
C GLY B 40 11.29 14.16 -24.12
N LYS B 41 11.39 15.48 -23.97
CA LYS B 41 12.46 16.19 -23.21
C LYS B 41 12.41 15.75 -21.74
N PRO B 42 13.56 15.47 -21.10
CA PRO B 42 13.58 15.18 -19.66
C PRO B 42 13.29 16.43 -18.84
N LEU B 43 12.50 16.29 -17.75
CA LEU B 43 12.05 17.40 -16.88
C LEU B 43 12.96 17.53 -15.64
N GLY B 44 14.08 16.78 -15.60
CA GLY B 44 15.13 16.90 -14.57
C GLY B 44 15.06 15.78 -13.54
N GLU B 45 16.22 15.42 -12.97
CA GLU B 45 16.39 14.31 -11.98
C GLU B 45 16.62 14.90 -10.59
N GLY B 46 16.67 14.04 -9.56
CA GLY B 46 17.04 14.41 -8.18
C GLY B 46 15.81 14.62 -7.32
N CYS B 47 15.00 15.61 -7.64
CA CYS B 47 13.74 15.98 -6.92
C CYS B 47 12.81 14.76 -6.86
N PHE B 48 12.46 14.20 -8.03
CA PHE B 48 11.47 13.10 -8.17
C PHE B 48 12.06 11.93 -8.97
N GLY B 49 13.37 11.93 -9.27
CA GLY B 49 14.05 10.89 -10.07
C GLY B 49 13.88 11.14 -11.57
N GLN B 50 14.12 10.12 -12.41
CA GLN B 50 14.02 10.24 -13.89
C GLN B 50 12.55 10.45 -14.28
N VAL B 51 12.21 11.71 -14.57
CA VAL B 51 10.88 12.16 -15.04
C VAL B 51 11.07 12.86 -16.38
N VAL B 52 10.27 12.51 -17.39
CA VAL B 52 10.37 13.05 -18.78
C VAL B 52 8.97 13.40 -19.28
N MET B 53 8.87 14.48 -20.07
CA MET B 53 7.67 14.83 -20.88
C MET B 53 7.39 13.68 -21.85
N ALA B 54 6.13 13.44 -22.18
CA ALA B 54 5.71 12.49 -23.24
C ALA B 54 4.32 12.87 -23.78
N GLU B 55 4.03 12.46 -25.02
CA GLU B 55 2.68 12.53 -25.64
C GLU B 55 2.05 11.14 -25.58
N ALA B 56 0.92 11.02 -24.87
CA ALA B 56 0.12 9.78 -24.70
C ALA B 56 -1.20 9.93 -25.47
N VAL B 57 -1.45 9.04 -26.43
CA VAL B 57 -2.67 9.08 -27.31
C VAL B 57 -3.75 8.20 -26.68
N GLY B 58 -4.83 8.83 -26.20
CA GLY B 58 -6.04 8.15 -25.69
C GLY B 58 -5.96 7.84 -24.20
N ILE B 59 -4.99 8.43 -23.50
CA ILE B 59 -4.86 8.39 -22.01
C ILE B 59 -6.10 9.08 -21.40
N ASP B 60 -6.62 10.11 -22.07
CA ASP B 60 -7.88 10.81 -21.71
C ASP B 60 -9.04 10.09 -22.39
N LYS B 61 -9.94 9.49 -21.61
CA LYS B 61 -11.14 8.76 -22.10
C LYS B 61 -12.22 9.75 -22.58
N ASP B 62 -12.07 11.04 -22.29
CA ASP B 62 -12.95 12.14 -22.78
C ASP B 62 -12.50 12.57 -24.18
N LYS B 63 -11.24 12.27 -24.56
CA LYS B 63 -10.67 12.51 -25.92
C LYS B 63 -9.82 11.29 -26.29
N PRO B 64 -10.43 10.14 -26.64
CA PRO B 64 -9.70 8.88 -26.79
C PRO B 64 -8.76 8.80 -28.01
N LYS B 65 -8.97 9.64 -29.03
CA LYS B 65 -8.16 9.66 -30.27
C LYS B 65 -7.10 10.79 -30.19
N GLU B 66 -7.16 11.62 -29.14
CA GLU B 66 -6.35 12.86 -29.00
C GLU B 66 -5.14 12.59 -28.08
N ALA B 67 -3.96 12.98 -28.55
CA ALA B 67 -2.68 12.96 -27.80
C ALA B 67 -2.73 14.00 -26.69
N VAL B 68 -2.25 13.62 -25.50
CA VAL B 68 -2.20 14.49 -24.28
C VAL B 68 -0.75 14.50 -23.78
N THR B 69 -0.26 15.66 -23.32
CA THR B 69 1.08 15.81 -22.70
C THR B 69 1.03 15.24 -21.28
N VAL B 70 1.94 14.32 -20.96
CA VAL B 70 2.04 13.63 -19.64
C VAL B 70 3.50 13.63 -19.18
N ALA B 71 3.70 13.43 -17.88
CA ALA B 71 5.03 13.21 -17.26
C ALA B 71 5.18 11.72 -16.97
N VAL B 72 6.32 11.14 -17.35
CA VAL B 72 6.60 9.69 -17.22
C VAL B 72 7.76 9.51 -16.25
N LYS B 73 7.51 8.88 -15.09
CA LYS B 73 8.56 8.52 -14.09
C LYS B 73 9.11 7.14 -14.47
N MET B 74 10.44 7.00 -14.42
CA MET B 74 11.15 5.73 -14.77
C MET B 74 12.43 5.62 -13.92
N LEU B 75 13.07 4.46 -13.96
CA LEU B 75 14.32 4.14 -13.20
C LEU B 75 15.53 4.44 -14.07
N LYS B 76 16.60 4.94 -13.47
CA LYS B 76 17.91 5.17 -14.14
C LYS B 76 18.56 3.80 -14.39
N ASP B 77 19.62 3.76 -15.20
CA ASP B 77 20.33 2.51 -15.53
C ASP B 77 21.21 2.07 -14.35
N ASP B 78 21.30 2.88 -13.28
CA ASP B 78 22.08 2.55 -12.05
C ASP B 78 21.15 2.45 -10.84
N ALA B 79 19.84 2.28 -11.05
CA ALA B 79 18.81 2.16 -9.99
C ALA B 79 18.95 0.81 -9.28
N THR B 80 18.58 0.77 -8.00
CA THR B 80 18.71 -0.42 -7.10
C THR B 80 17.36 -1.13 -6.94
N GLU B 81 17.39 -2.35 -6.38
CA GLU B 81 16.20 -3.15 -6.00
C GLU B 81 15.19 -2.27 -5.27
N LYS B 82 15.66 -1.50 -4.29
CA LYS B 82 14.82 -0.63 -3.42
C LYS B 82 14.17 0.46 -4.28
N ASP B 83 14.91 1.02 -5.24
CA ASP B 83 14.41 2.07 -6.16
C ASP B 83 13.18 1.53 -6.91
N LEU B 84 13.26 0.30 -7.42
CA LEU B 84 12.13 -0.39 -8.13
C LEU B 84 10.95 -0.53 -7.17
N SER B 85 11.19 -1.17 -6.02
CA SER B 85 10.18 -1.42 -4.95
C SER B 85 9.47 -0.10 -4.61
N ASP B 86 10.24 0.96 -4.39
CA ASP B 86 9.73 2.29 -3.95
C ASP B 86 8.81 2.87 -5.02
N LEU B 87 9.14 2.71 -6.30
CA LEU B 87 8.35 3.25 -7.44
C LEU B 87 7.03 2.49 -7.55
N VAL B 88 7.09 1.15 -7.49
CA VAL B 88 5.91 0.26 -7.63
C VAL B 88 4.93 0.52 -6.48
N SER B 89 5.45 0.67 -5.25
CA SER B 89 4.66 0.98 -4.03
C SER B 89 3.95 2.34 -4.17
N GLU B 90 4.66 3.35 -4.68
CA GLU B 90 4.11 4.72 -4.90
C GLU B 90 2.92 4.61 -5.87
N MET B 91 3.10 3.86 -6.96
CA MET B 91 2.05 3.62 -8.00
C MET B 91 0.84 2.95 -7.35
N GLU B 92 1.05 1.84 -6.63
CA GLU B 92 -0.03 1.00 -6.04
C GLU B 92 -0.81 1.80 -4.99
N MET B 93 -0.14 2.70 -4.26
CA MET B 93 -0.79 3.53 -3.23
C MET B 93 -1.68 4.59 -3.88
N MET B 94 -1.25 5.15 -5.02
CA MET B 94 -2.02 6.18 -5.77
C MET B 94 -3.30 5.56 -6.34
N LYS B 95 -3.26 4.27 -6.72
CA LYS B 95 -4.45 3.48 -7.14
C LYS B 95 -5.44 3.40 -5.99
N MET B 96 -4.95 3.18 -4.77
CA MET B 96 -5.77 3.01 -3.55
C MET B 96 -6.34 4.37 -3.11
N ILE B 97 -5.52 5.42 -3.13
CA ILE B 97 -5.88 6.81 -2.68
C ILE B 97 -6.94 7.39 -3.63
N GLY B 98 -6.88 7.05 -4.93
CA GLY B 98 -7.83 7.52 -5.96
C GLY B 98 -7.53 8.94 -6.41
N LYS B 99 -8.41 9.54 -7.21
CA LYS B 99 -8.15 10.79 -7.96
C LYS B 99 -8.79 12.00 -7.28
N HIS B 100 -8.09 13.15 -7.29
CA HIS B 100 -8.58 14.48 -6.87
C HIS B 100 -7.92 15.56 -7.73
N LYS B 101 -8.58 16.70 -7.93
CA LYS B 101 -8.12 17.79 -8.83
C LYS B 101 -6.78 18.34 -8.33
N ASN B 102 -6.60 18.44 -7.01
CA ASN B 102 -5.49 19.17 -6.35
C ASN B 102 -4.40 18.20 -5.89
N ILE B 103 -4.27 17.04 -6.56
CA ILE B 103 -3.11 16.11 -6.42
C ILE B 103 -2.65 15.71 -7.82
N ILE B 104 -1.37 15.32 -7.96
CA ILE B 104 -0.83 14.67 -9.19
C ILE B 104 -1.40 13.24 -9.25
N ASN B 105 -2.13 12.91 -10.32
CA ASN B 105 -2.88 11.64 -10.44
C ASN B 105 -2.13 10.64 -11.32
N LEU B 106 -2.17 9.37 -10.92
CA LEU B 106 -1.78 8.21 -11.77
C LEU B 106 -2.75 8.15 -12.96
N LEU B 107 -2.22 8.27 -14.18
CA LEU B 107 -3.00 8.21 -15.44
C LEU B 107 -2.92 6.79 -16.02
N GLY B 108 -1.80 6.10 -15.82
CA GLY B 108 -1.57 4.73 -16.30
C GLY B 108 -0.14 4.29 -16.04
N ALA B 109 0.24 3.11 -16.55
CA ALA B 109 1.59 2.53 -16.40
C ALA B 109 1.91 1.60 -17.57
N CYS B 110 3.17 1.50 -17.96
CA CYS B 110 3.72 0.47 -18.88
C CYS B 110 4.59 -0.49 -18.06
N THR B 111 4.05 -1.64 -17.68
CA THR B 111 4.67 -2.62 -16.73
C THR B 111 5.23 -3.83 -17.48
N GLN B 112 4.78 -4.07 -18.72
CA GLN B 112 5.08 -5.30 -19.50
C GLN B 112 5.90 -4.94 -20.74
N ASP B 113 6.77 -5.85 -21.20
CA ASP B 113 7.42 -5.83 -22.53
C ASP B 113 8.30 -4.58 -22.67
N GLY B 114 9.04 -4.22 -21.61
CA GLY B 114 9.93 -3.05 -21.60
C GLY B 114 10.18 -2.52 -20.19
N PRO B 115 10.86 -1.35 -20.05
CA PRO B 115 11.10 -0.74 -18.74
C PRO B 115 9.80 -0.23 -18.10
N LEU B 116 9.74 -0.18 -16.77
CA LEU B 116 8.58 0.35 -16.00
C LEU B 116 8.45 1.85 -16.26
N TYR B 117 7.31 2.28 -16.82
CA TYR B 117 6.89 3.69 -16.96
C TYR B 117 5.65 3.91 -16.10
N VAL B 118 5.71 4.88 -15.18
CA VAL B 118 4.54 5.36 -14.39
C VAL B 118 4.14 6.73 -14.96
N ILE B 119 2.94 6.81 -15.53
CA ILE B 119 2.43 8.01 -16.27
C ILE B 119 1.54 8.81 -15.31
N VAL B 120 1.86 10.09 -15.12
CA VAL B 120 1.13 11.02 -14.20
C VAL B 120 0.83 12.32 -14.95
N GLU B 121 -0.07 13.14 -14.40
CA GLU B 121 -0.49 14.44 -14.98
C GLU B 121 0.74 15.34 -15.13
N TYR B 122 0.80 16.09 -16.24
CA TYR B 122 1.89 17.06 -16.58
C TYR B 122 1.50 18.44 -16.03
N ALA B 123 2.47 19.12 -15.42
CA ALA B 123 2.32 20.46 -14.80
C ALA B 123 3.30 21.43 -15.48
N SER B 124 2.83 22.17 -16.49
CA SER B 124 3.67 23.00 -17.40
C SER B 124 4.39 24.11 -16.62
N LYS B 125 3.75 24.67 -15.58
CA LYS B 125 4.24 25.88 -14.85
C LYS B 125 5.27 25.49 -13.78
N GLY B 126 5.56 24.20 -13.61
CA GLY B 126 6.60 23.71 -12.69
C GLY B 126 6.13 23.72 -11.24
N ASN B 127 7.07 23.72 -10.29
CA ASN B 127 6.77 23.65 -8.82
C ASN B 127 6.35 25.04 -8.33
N LEU B 128 5.65 25.10 -7.20
CA LEU B 128 5.00 26.33 -6.66
C LEU B 128 6.05 27.38 -6.31
N ARG B 129 7.19 26.99 -5.74
CA ARG B 129 8.26 27.93 -5.34
C ARG B 129 8.74 28.71 -6.58
N GLU B 130 9.09 28.00 -7.66
CA GLU B 130 9.63 28.61 -8.90
C GLU B 130 8.51 29.33 -9.65
N TYR B 131 7.27 28.85 -9.53
CA TYR B 131 6.05 29.47 -10.11
C TYR B 131 5.79 30.84 -9.47
N LEU B 132 5.85 30.91 -8.14
CA LEU B 132 5.60 32.14 -7.35
C LEU B 132 6.74 33.14 -7.58
N ARG B 133 7.99 32.70 -7.42
CA ARG B 133 9.22 33.52 -7.57
C ARG B 133 9.21 34.23 -8.93
N ALA B 134 8.83 33.51 -10.00
CA ALA B 134 8.78 34.03 -11.39
C ALA B 134 7.67 35.08 -11.51
N ARG B 135 6.60 34.97 -10.71
CA ARG B 135 5.42 35.88 -10.76
C ARG B 135 5.49 36.92 -9.64
N ARG B 136 6.68 37.22 -9.13
CA ARG B 136 6.92 38.33 -8.16
C ARG B 136 6.86 39.65 -8.93
N PRO B 137 6.26 40.73 -8.37
CA PRO B 137 6.26 42.03 -9.04
C PRO B 137 7.66 42.60 -9.18
N PRO B 138 8.04 43.11 -10.38
CA PRO B 138 9.22 43.97 -10.49
C PRO B 138 9.04 45.28 -9.70
N GLN B 153 0.33 39.18 -13.62
CA GLN B 153 0.74 39.56 -12.24
C GLN B 153 -0.15 38.85 -11.22
N MET B 154 0.45 38.38 -10.11
CA MET B 154 -0.24 37.70 -8.99
C MET B 154 -1.07 38.73 -8.20
N THR B 155 -2.27 38.35 -7.73
CA THR B 155 -3.14 39.15 -6.82
C THR B 155 -3.27 38.41 -5.50
N PHE B 156 -3.69 39.11 -4.44
CA PHE B 156 -3.94 38.53 -3.09
C PHE B 156 -4.96 37.39 -3.22
N LYS B 157 -6.02 37.60 -3.99
CA LYS B 157 -7.10 36.61 -4.27
C LYS B 157 -6.47 35.32 -4.83
N ASP B 158 -5.45 35.44 -5.70
CA ASP B 158 -4.72 34.30 -6.31
C ASP B 158 -3.95 33.53 -5.23
N LEU B 159 -3.34 34.24 -4.27
CA LEU B 159 -2.57 33.62 -3.15
C LEU B 159 -3.54 32.88 -2.21
N VAL B 160 -4.72 33.45 -1.94
CA VAL B 160 -5.79 32.80 -1.11
C VAL B 160 -6.29 31.58 -1.86
N SER B 161 -6.66 31.74 -3.14
CA SER B 161 -7.15 30.66 -4.03
C SER B 161 -6.14 29.51 -4.04
N CYS B 162 -4.86 29.83 -4.19
CA CYS B 162 -3.73 28.85 -4.21
C CYS B 162 -3.71 28.07 -2.89
N THR B 163 -3.79 28.77 -1.75
CA THR B 163 -3.81 28.17 -0.39
C THR B 163 -5.04 27.27 -0.24
N TYR B 164 -6.22 27.77 -0.63
CA TYR B 164 -7.51 27.04 -0.55
C TYR B 164 -7.42 25.71 -1.29
N GLN B 165 -6.88 25.72 -2.52
CA GLN B 165 -6.75 24.53 -3.40
C GLN B 165 -5.92 23.45 -2.69
N LEU B 166 -4.79 23.83 -2.12
CA LEU B 166 -3.84 22.88 -1.46
C LEU B 166 -4.47 22.31 -0.18
N ALA B 167 -5.31 23.10 0.50
CA ALA B 167 -6.08 22.65 1.68
C ALA B 167 -7.09 21.59 1.26
N ARG B 168 -7.82 21.82 0.15
CA ARG B 168 -8.79 20.86 -0.42
C ARG B 168 -8.05 19.55 -0.75
N GLY B 169 -6.89 19.65 -1.40
CA GLY B 169 -6.04 18.49 -1.74
C GLY B 169 -5.69 17.67 -0.50
N MET B 170 -5.19 18.33 0.55
CA MET B 170 -4.74 17.67 1.81
C MET B 170 -5.94 17.08 2.56
N GLU B 171 -7.11 17.75 2.51
CA GLU B 171 -8.37 17.24 3.10
C GLU B 171 -8.67 15.88 2.48
N TYR B 172 -8.53 15.76 1.15
CA TYR B 172 -8.79 14.51 0.40
C TYR B 172 -7.80 13.44 0.87
N LEU B 173 -6.50 13.69 0.73
CA LEU B 173 -5.40 12.76 1.12
C LEU B 173 -5.64 12.25 2.55
N ALA B 174 -5.96 13.15 3.49
CA ALA B 174 -6.18 12.84 4.92
C ALA B 174 -7.40 11.93 5.08
N SER B 175 -8.48 12.19 4.32
CA SER B 175 -9.74 11.40 4.35
C SER B 175 -9.49 9.99 3.79
N GLN B 176 -8.47 9.85 2.94
CA GLN B 176 -8.05 8.56 2.33
C GLN B 176 -6.89 7.95 3.14
N LYS B 177 -6.75 8.35 4.42
CA LYS B 177 -5.78 7.75 5.38
C LYS B 177 -4.35 7.90 4.86
N CYS B 178 -4.04 8.99 4.15
CA CYS B 178 -2.68 9.29 3.60
C CYS B 178 -2.03 10.42 4.40
N ILE B 179 -0.83 10.15 4.93
CA ILE B 179 0.03 11.13 5.65
C ILE B 179 1.21 11.46 4.74
N HIS B 180 1.36 12.74 4.36
CA HIS B 180 2.35 13.22 3.36
C HIS B 180 3.76 13.12 3.93
N ARG B 181 4.02 13.79 5.06
CA ARG B 181 5.28 13.76 5.86
C ARG B 181 6.32 14.73 5.30
N ASP B 182 6.05 15.39 4.17
CA ASP B 182 6.99 16.34 3.53
C ASP B 182 6.23 17.34 2.65
N LEU B 183 5.15 17.92 3.17
CA LEU B 183 4.33 18.95 2.48
C LEU B 183 5.14 20.25 2.45
N ALA B 184 5.41 20.77 1.25
CA ALA B 184 6.23 21.97 0.99
C ALA B 184 6.05 22.42 -0.46
N ALA B 185 6.39 23.67 -0.77
CA ALA B 185 6.20 24.30 -2.10
C ALA B 185 6.93 23.49 -3.19
N ARG B 186 8.06 22.87 -2.85
CA ARG B 186 8.89 22.06 -3.79
C ARG B 186 8.16 20.78 -4.19
N ASN B 187 7.22 20.29 -3.36
CA ASN B 187 6.41 19.08 -3.62
C ASN B 187 4.99 19.46 -4.07
N VAL B 188 4.81 20.71 -4.51
CA VAL B 188 3.57 21.19 -5.19
C VAL B 188 3.92 21.55 -6.63
N LEU B 189 3.06 21.19 -7.58
CA LEU B 189 3.23 21.49 -9.03
C LEU B 189 2.01 22.26 -9.53
N VAL B 190 2.21 23.11 -10.56
CA VAL B 190 1.17 24.02 -11.11
C VAL B 190 0.98 23.71 -12.59
N THR B 191 -0.28 23.48 -13.00
CA THR B 191 -0.67 23.04 -14.37
C THR B 191 -0.89 24.26 -15.26
N GLU B 192 -1.13 24.03 -16.56
CA GLU B 192 -1.33 25.07 -17.60
C GLU B 192 -2.42 26.05 -17.15
N ASN B 193 -3.45 25.57 -16.44
CA ASN B 193 -4.62 26.37 -15.99
C ASN B 193 -4.48 26.77 -14.51
N ASN B 194 -3.25 26.84 -14.01
CA ASN B 194 -2.89 27.36 -12.66
C ASN B 194 -3.56 26.50 -11.56
N VAL B 195 -3.77 25.20 -11.83
CA VAL B 195 -4.33 24.24 -10.84
C VAL B 195 -3.19 23.74 -9.96
N MET B 196 -3.36 23.84 -8.64
CA MET B 196 -2.36 23.42 -7.63
C MET B 196 -2.52 21.92 -7.40
N LYS B 197 -1.47 21.14 -7.66
CA LYS B 197 -1.47 19.66 -7.48
C LYS B 197 -0.31 19.26 -6.55
N ILE B 198 -0.62 18.52 -5.48
CA ILE B 198 0.33 17.99 -4.47
C ILE B 198 1.05 16.76 -5.05
N ALA B 199 2.36 16.63 -4.83
CA ALA B 199 3.20 15.52 -5.33
C ALA B 199 3.86 14.77 -4.16
N ASP B 200 4.53 13.64 -4.44
CA ASP B 200 5.28 12.78 -3.48
C ASP B 200 4.44 12.50 -2.22
N PHE B 201 3.17 12.12 -2.40
CA PHE B 201 2.22 11.81 -1.29
C PHE B 201 2.09 10.28 -1.11
N GLY B 202 2.61 9.49 -2.05
CA GLY B 202 2.31 8.06 -2.20
C GLY B 202 3.15 7.13 -1.34
N LEU B 203 4.28 7.58 -0.77
CA LEU B 203 5.28 6.66 -0.12
C LEU B 203 5.58 7.04 1.33
N ALA B 204 5.83 6.03 2.17
CA ALA B 204 6.27 6.15 3.58
C ALA B 204 7.79 5.91 3.67
N ARG B 205 8.58 6.96 3.49
CA ARG B 205 10.07 6.91 3.39
C ARG B 205 10.66 6.49 4.74
N VAL B 206 11.70 5.64 4.70
CA VAL B 206 12.32 5.00 5.89
C VAL B 206 13.36 5.95 6.51
N ILE B 210 22.73 13.23 9.72
CA ILE B 210 22.27 11.84 9.38
C ILE B 210 20.89 11.93 8.74
N ASP B 211 19.87 12.26 9.56
CA ASP B 211 18.44 12.39 9.14
C ASP B 211 18.00 13.86 9.29
N TYR B 212 18.95 14.77 9.50
CA TYR B 212 18.74 16.25 9.52
C TYR B 212 20.11 16.93 9.41
N TYR B 213 20.12 18.25 9.19
CA TYR B 213 21.29 19.15 9.01
C TYR B 213 21.71 19.20 7.52
N LYS B 214 21.80 18.05 6.85
CA LYS B 214 22.37 17.91 5.48
C LYS B 214 21.34 18.40 4.46
N LYS B 215 21.77 19.27 3.54
CA LYS B 215 20.94 19.81 2.43
C LYS B 215 20.68 18.71 1.41
N THR B 216 19.55 18.77 0.71
CA THR B 216 19.18 17.86 -0.41
C THR B 216 20.07 18.16 -1.62
N THR B 217 19.92 17.44 -2.74
CA THR B 217 20.53 17.74 -4.05
C THR B 217 20.30 19.21 -4.41
N ASN B 218 19.07 19.71 -4.21
CA ASN B 218 18.59 21.03 -4.68
C ASN B 218 18.62 22.05 -3.53
N GLY B 219 19.38 21.79 -2.46
CA GLY B 219 19.78 22.77 -1.43
C GLY B 219 18.73 22.98 -0.35
N ARG B 220 17.64 22.23 -0.35
CA ARG B 220 16.52 22.38 0.62
C ARG B 220 16.87 21.68 1.94
N LEU B 221 16.32 22.17 3.06
CA LEU B 221 16.45 21.58 4.42
C LEU B 221 15.07 21.17 4.94
N PRO B 222 14.62 19.93 4.66
CA PRO B 222 13.25 19.51 4.98
C PRO B 222 12.81 19.64 6.45
N VAL B 223 13.77 19.78 7.38
CA VAL B 223 13.50 19.92 8.85
C VAL B 223 12.73 21.22 9.11
N LYS B 224 12.87 22.22 8.23
CA LYS B 224 12.22 23.55 8.37
C LYS B 224 10.71 23.43 8.14
N TRP B 225 10.24 22.28 7.63
CA TRP B 225 8.80 21.99 7.40
C TRP B 225 8.27 21.02 8.46
N MET B 226 9.15 20.38 9.23
CA MET B 226 8.78 19.31 10.20
C MET B 226 8.24 19.94 11.49
N ALA B 227 7.13 19.40 12.00
CA ALA B 227 6.53 19.71 13.31
C ALA B 227 7.47 19.23 14.41
N PRO B 228 7.47 19.84 15.61
CA PRO B 228 8.36 19.42 16.68
C PRO B 228 8.35 17.90 16.92
N GLU B 229 7.16 17.28 17.03
CA GLU B 229 7.01 15.84 17.38
C GLU B 229 7.56 14.97 16.24
N ALA B 230 7.57 15.47 15.00
CA ALA B 230 8.16 14.80 13.82
C ALA B 230 9.69 14.81 13.95
N LEU B 231 10.28 15.92 14.39
CA LEU B 231 11.75 16.06 14.59
C LEU B 231 12.21 15.10 15.69
N PHE B 232 11.76 15.33 16.92
CA PHE B 232 12.29 14.71 18.16
C PHE B 232 11.84 13.25 18.26
N ASP B 233 10.57 12.95 18.00
CA ASP B 233 9.94 11.63 18.25
C ASP B 233 9.70 10.86 16.93
N ARG B 234 9.92 11.48 15.77
CA ARG B 234 9.62 10.91 14.43
C ARG B 234 8.14 10.49 14.37
N VAL B 235 7.25 11.30 14.95
CA VAL B 235 5.78 11.09 14.97
C VAL B 235 5.17 11.90 13.82
N TYR B 236 4.72 11.21 12.77
CA TYR B 236 4.10 11.82 11.55
C TYR B 236 2.62 11.44 11.52
N THR B 237 1.74 12.44 11.67
CA THR B 237 0.26 12.32 11.66
C THR B 237 -0.31 13.37 10.70
N HIS B 238 -1.64 13.44 10.57
CA HIS B 238 -2.35 14.49 9.80
C HIS B 238 -2.10 15.86 10.47
N GLN B 239 -1.97 15.89 11.79
CA GLN B 239 -1.73 17.14 12.56
C GLN B 239 -0.29 17.64 12.31
N SER B 240 0.67 16.74 12.14
CA SER B 240 2.07 17.08 11.78
C SER B 240 2.11 17.63 10.35
N ASP B 241 1.24 17.12 9.46
CA ASP B 241 1.04 17.62 8.08
C ASP B 241 0.50 19.06 8.13
N VAL B 242 -0.38 19.36 9.09
CA VAL B 242 -1.03 20.69 9.26
C VAL B 242 0.05 21.72 9.60
N TRP B 243 0.99 21.39 10.48
CA TRP B 243 2.17 22.25 10.79
C TRP B 243 2.87 22.62 9.48
N SER B 244 3.19 21.61 8.66
CA SER B 244 3.86 21.75 7.35
C SER B 244 3.03 22.67 6.43
N PHE B 245 1.70 22.53 6.46
CA PHE B 245 0.77 23.38 5.68
C PHE B 245 0.92 24.84 6.13
N GLY B 246 1.17 25.05 7.42
CA GLY B 246 1.50 26.37 8.00
C GLY B 246 2.71 26.99 7.32
N VAL B 247 3.81 26.24 7.24
CA VAL B 247 5.10 26.67 6.62
C VAL B 247 4.87 26.87 5.12
N LEU B 248 4.02 26.03 4.51
CA LEU B 248 3.61 26.14 3.08
C LEU B 248 2.87 27.47 2.88
N MET B 249 1.98 27.85 3.80
CA MET B 249 1.26 29.15 3.76
C MET B 249 2.28 30.30 3.77
N TRP B 250 3.28 30.24 4.64
CA TRP B 250 4.37 31.24 4.73
C TRP B 250 5.04 31.37 3.35
N GLU B 251 5.48 30.25 2.77
CA GLU B 251 6.12 30.18 1.44
C GLU B 251 5.26 30.92 0.40
N ILE B 252 3.94 30.70 0.43
CA ILE B 252 2.96 31.24 -0.57
C ILE B 252 2.91 32.77 -0.45
N PHE B 253 2.76 33.30 0.77
CA PHE B 253 2.46 34.73 1.03
C PHE B 253 3.78 35.53 1.08
N THR B 254 4.93 34.85 1.06
CA THR B 254 6.27 35.46 0.83
C THR B 254 6.65 35.27 -0.64
N LEU B 255 5.78 34.63 -1.42
CA LEU B 255 5.99 34.29 -2.87
C LEU B 255 7.34 33.58 -3.03
N GLY B 256 7.43 32.34 -2.55
CA GLY B 256 8.61 31.45 -2.71
C GLY B 256 9.70 31.77 -1.69
N GLY B 257 9.36 32.41 -0.58
CA GLY B 257 10.31 32.69 0.51
C GLY B 257 10.83 31.41 1.15
N SER B 258 12.13 31.37 1.47
CA SER B 258 12.79 30.26 2.19
C SER B 258 12.54 30.39 3.69
N PRO B 259 11.84 29.42 4.35
CA PRO B 259 11.50 29.52 5.77
C PRO B 259 12.69 29.62 6.73
N TYR B 260 12.44 30.16 7.93
CA TYR B 260 13.44 30.44 8.99
C TYR B 260 14.74 30.87 8.33
N PRO B 261 14.73 31.98 7.55
CA PRO B 261 15.88 32.39 6.76
C PRO B 261 17.06 32.81 7.66
N GLY B 262 18.25 32.27 7.39
CA GLY B 262 19.50 32.60 8.11
C GLY B 262 19.57 31.97 9.50
N ILE B 263 18.59 31.15 9.87
CA ILE B 263 18.58 30.36 11.15
C ILE B 263 19.31 29.04 10.90
N PRO B 264 20.45 28.76 11.57
CA PRO B 264 21.07 27.44 11.50
C PRO B 264 20.16 26.36 12.10
N VAL B 265 20.28 25.12 11.63
CA VAL B 265 19.37 23.99 12.00
C VAL B 265 19.46 23.75 13.51
N GLU B 266 20.65 23.84 14.10
CA GLU B 266 20.89 23.72 15.57
C GLU B 266 19.92 24.66 16.31
N GLU B 267 19.96 25.96 15.99
CA GLU B 267 19.16 27.02 16.65
C GLU B 267 17.67 26.73 16.48
N LEU B 268 17.25 26.19 15.32
CA LEU B 268 15.82 25.97 14.95
C LEU B 268 15.11 25.17 16.05
N PHE B 269 15.67 24.00 16.42
CA PHE B 269 15.09 23.08 17.43
C PHE B 269 14.81 23.84 18.73
N LYS B 270 15.85 24.53 19.22
CA LYS B 270 15.82 25.35 20.46
C LYS B 270 14.77 26.47 20.32
N LEU B 271 14.71 27.11 19.15
CA LEU B 271 13.83 28.27 18.85
C LEU B 271 12.35 27.84 18.92
N LEU B 272 12.01 26.71 18.30
CA LEU B 272 10.62 26.18 18.25
C LEU B 272 10.20 25.71 19.65
N LYS B 273 11.14 25.10 20.39
CA LYS B 273 10.93 24.63 21.79
C LYS B 273 10.57 25.83 22.68
N GLU B 274 11.25 26.96 22.51
CA GLU B 274 11.05 28.20 23.30
C GLU B 274 9.77 28.93 22.86
N GLY B 275 9.15 28.50 21.76
CA GLY B 275 7.82 28.96 21.31
C GLY B 275 7.89 30.08 20.29
N HIS B 276 9.08 30.37 19.74
CA HIS B 276 9.29 31.37 18.66
C HIS B 276 8.87 30.78 17.30
N ARG B 277 8.08 31.54 16.54
CA ARG B 277 7.56 31.19 15.20
C ARG B 277 8.02 32.26 14.20
N MET B 278 7.77 32.03 12.91
CA MET B 278 8.13 32.96 11.82
C MET B 278 7.22 34.19 11.89
N ASP B 279 7.72 35.36 11.44
CA ASP B 279 6.99 36.66 11.43
C ASP B 279 5.89 36.63 10.36
N LYS B 280 4.94 37.55 10.46
CA LYS B 280 3.82 37.74 9.50
C LYS B 280 4.38 38.25 8.18
N PRO B 281 4.18 37.53 7.04
CA PRO B 281 4.57 38.04 5.73
C PRO B 281 3.88 39.36 5.37
N ALA B 282 4.50 40.16 4.51
CA ALA B 282 3.98 41.47 4.02
C ALA B 282 2.57 41.29 3.44
N ASN B 283 2.38 40.31 2.55
CA ASN B 283 1.13 40.09 1.78
C ASN B 283 0.05 39.41 2.64
N CYS B 284 0.43 38.88 3.81
CA CYS B 284 -0.48 38.16 4.74
C CYS B 284 -1.38 39.17 5.46
N THR B 285 -2.65 38.80 5.71
CA THR B 285 -3.61 39.53 6.57
C THR B 285 -3.50 38.99 7.99
N ASN B 286 -4.02 39.72 8.98
CA ASN B 286 -3.98 39.32 10.40
C ASN B 286 -4.76 38.00 10.58
N GLU B 287 -5.92 37.88 9.93
CA GLU B 287 -6.78 36.68 9.95
C GLU B 287 -5.98 35.47 9.43
N LEU B 288 -5.27 35.64 8.31
CA LEU B 288 -4.52 34.56 7.62
C LEU B 288 -3.27 34.17 8.43
N TYR B 289 -2.62 35.13 9.10
CA TYR B 289 -1.42 34.86 9.94
C TYR B 289 -1.82 34.09 11.20
N MET B 290 -3.01 34.38 11.75
CA MET B 290 -3.56 33.66 12.93
C MET B 290 -3.86 32.21 12.56
N MET B 291 -4.18 31.96 11.29
CA MET B 291 -4.37 30.60 10.73
C MET B 291 -3.01 29.88 10.67
N MET B 292 -1.97 30.57 10.21
CA MET B 292 -0.57 30.06 10.16
C MET B 292 -0.10 29.69 11.56
N ARG B 293 -0.36 30.55 12.54
CA ARG B 293 0.11 30.39 13.95
C ARG B 293 -0.68 29.27 14.64
N ASP B 294 -1.95 29.09 14.27
CA ASP B 294 -2.81 27.96 14.75
C ASP B 294 -2.19 26.63 14.30
N CYS B 295 -1.72 26.57 13.05
CA CYS B 295 -1.02 25.38 12.47
C CYS B 295 0.25 25.07 13.28
N TRP B 296 0.91 26.11 13.80
CA TRP B 296 2.21 26.00 14.52
C TRP B 296 2.01 25.89 16.03
N HIS B 297 0.87 25.39 16.49
CA HIS B 297 0.63 25.05 17.92
C HIS B 297 1.52 23.87 18.29
N ALA B 298 2.28 23.99 19.39
CA ALA B 298 3.21 22.96 19.91
C ALA B 298 2.44 21.64 20.10
N VAL B 299 1.25 21.71 20.70
CA VAL B 299 0.36 20.55 20.96
C VAL B 299 -0.35 20.16 19.66
N PRO B 300 -0.11 18.95 19.12
CA PRO B 300 -0.72 18.53 17.85
C PRO B 300 -2.26 18.64 17.80
N SER B 301 -2.93 18.34 18.91
CA SER B 301 -4.40 18.25 19.03
C SER B 301 -5.03 19.65 19.05
N GLN B 302 -4.23 20.69 19.29
CA GLN B 302 -4.70 22.11 19.33
C GLN B 302 -4.54 22.78 17.96
N ARG B 303 -3.94 22.08 16.98
CA ARG B 303 -3.85 22.54 15.56
C ARG B 303 -5.20 22.36 14.90
N PRO B 304 -5.54 23.19 13.88
CA PRO B 304 -6.77 22.98 13.10
C PRO B 304 -6.66 21.74 12.20
N THR B 305 -7.79 21.10 11.91
CA THR B 305 -7.90 19.98 10.94
C THR B 305 -7.98 20.58 9.53
N PHE B 306 -7.76 19.77 8.50
CA PHE B 306 -7.80 20.24 7.08
C PHE B 306 -9.26 20.57 6.70
N LYS B 307 -10.22 19.81 7.24
CA LYS B 307 -11.68 20.08 7.09
C LYS B 307 -11.99 21.51 7.51
N GLN B 308 -11.40 21.96 8.63
CA GLN B 308 -11.58 23.32 9.20
C GLN B 308 -10.84 24.36 8.35
N LEU B 309 -9.63 24.02 7.87
CA LEU B 309 -8.79 24.92 7.03
C LEU B 309 -9.51 25.21 5.71
N VAL B 310 -10.17 24.21 5.12
CA VAL B 310 -10.92 24.33 3.83
C VAL B 310 -12.10 25.27 4.04
N GLU B 311 -12.88 25.07 5.12
CA GLU B 311 -14.09 25.88 5.45
C GLU B 311 -13.67 27.33 5.71
N ASP B 312 -12.59 27.54 6.47
CA ASP B 312 -12.02 28.88 6.78
C ASP B 312 -11.58 29.57 5.47
N LEU B 313 -10.79 28.88 4.64
CA LEU B 313 -10.21 29.45 3.40
C LEU B 313 -11.31 29.69 2.36
N ASP B 314 -12.32 28.82 2.29
CA ASP B 314 -13.51 28.98 1.40
C ASP B 314 -14.26 30.27 1.77
N ARG B 315 -14.37 30.58 3.06
CA ARG B 315 -15.06 31.79 3.59
C ARG B 315 -14.31 33.04 3.11
N ILE B 316 -12.99 33.10 3.33
CA ILE B 316 -12.12 34.27 3.00
C ILE B 316 -12.12 34.49 1.48
N LEU B 317 -12.14 33.41 0.70
CA LEU B 317 -12.08 33.45 -0.80
C LEU B 317 -13.38 34.03 -1.37
N THR B 318 -14.53 33.68 -0.80
CA THR B 318 -15.88 34.21 -1.19
C THR B 318 -15.98 35.69 -0.81
N LEU B 319 -15.28 36.12 0.24
CA LEU B 319 -15.29 37.53 0.75
C LEU B 319 -14.44 38.41 -0.17
N THR B 320 -13.14 38.09 -0.35
CA THR B 320 -12.20 38.83 -1.22
C THR B 320 -12.85 39.08 -2.58
N THR B 321 -13.61 38.10 -3.10
CA THR B 321 -14.46 38.20 -4.31
C THR B 321 -15.85 38.72 -3.91
#